data_5IXO
#
_entry.id   5IXO
#
_cell.length_a   148.678
_cell.length_b   148.678
_cell.length_c   58.041
_cell.angle_alpha   90.00
_cell.angle_beta   90.00
_cell.angle_gamma   120.00
#
_symmetry.space_group_name_H-M   'P 31 2 1'
#
loop_
_entity.id
_entity.type
_entity.pdbx_description
1 polymer 'Receptor-like protein kinase 5'
2 branched 2-acetamido-2-deoxy-beta-D-glucopyranose-(1-4)-2-acetamido-2-deoxy-beta-D-glucopyranose
3 non-polymer 2-acetamido-2-deoxy-beta-D-glucopyranose
4 non-polymer 'MAGNESIUM ION'
5 non-polymer 1,2-ETHANEDIOL
6 water water
#
_entity_poly.entity_id   1
_entity_poly.type   'polypeptide(L)'
_entity_poly.pdbx_seq_one_letter_code
;GSSMGSLNQDATILRQAKLGLSDPAQSLSSWSDNNDVTPCKWLGVSCDATSNVVSVDLSSFMLVGPFPSILCHLPSLHSL
SLYNNSINGSLSADDFDTCHNLISLDLSENLLVGSIPKSLPFNLPNLKFLEISGNNLSDTIPSSFGEFRKLESLNLAGNF
LSGTIPASLGNVTTLKELKLAYNLFSPSQIPSQLGNLTELQVLWLAGCNLVGPIPPSLSRLTSLVNLDLTFNQLTGSIPS
WITQLKTVEQIELFNNSFSGELPESMGNMTTLKRFDASMNKLTGKIPDNLNLLNLESLNLFENMLEGPLPESITRSKTLS
ELKLFNNRLTGVLPSQLGANSPLQYVDLSYNRFSGEIPANVCGEGKLEYLILIDNSFSGEISNNLGKCKSLTRVRLSNNK
LSGQIPHGFWGLPRLSLLELSDNSFTGSIPKTIIGAKNLSNLRISKNRFSGSIPNEIGSLNGIIEISGAENDFSGEIPES
LVKLKQLSRLDLSKNQLSGEIPRELRGWKNLNELNLANNHLSGEIPKEVGILPVLNYLDLSSNQFSGEIPLELQNLKLNV
LNLSYNHLSGKIPPLYANKIYAHDFIGNPGLCVDLDGLCRKITRSKLEGSENLYFQ
;
_entity_poly.pdbx_strand_id   A
#
# COMPACT_ATOMS: atom_id res chain seq x y z
N SER A 6 31.74 -6.60 42.98
CA SER A 6 30.53 -5.78 42.57
C SER A 6 30.76 -5.25 41.14
N LEU A 7 31.56 -4.18 40.96
CA LEU A 7 32.03 -3.80 39.58
C LEU A 7 32.93 -4.96 38.94
N ASN A 8 33.80 -5.54 39.76
CA ASN A 8 34.66 -6.71 39.42
C ASN A 8 33.87 -7.88 38.84
N GLN A 9 32.91 -8.37 39.66
CA GLN A 9 32.07 -9.51 39.39
C GLN A 9 31.31 -9.17 38.12
N ASP A 10 30.65 -8.00 38.10
CA ASP A 10 29.86 -7.71 36.90
C ASP A 10 30.63 -7.56 35.60
N ALA A 11 31.81 -6.88 35.63
CA ALA A 11 32.68 -6.78 34.48
C ALA A 11 33.03 -8.15 33.93
N THR A 12 33.33 -9.07 34.81
CA THR A 12 33.73 -10.43 34.39
C THR A 12 32.57 -11.20 33.77
N ILE A 13 31.40 -11.16 34.40
CA ILE A 13 30.22 -11.83 33.83
C ILE A 13 29.83 -11.25 32.45
N LEU A 14 29.81 -9.91 32.32
CA LEU A 14 29.63 -9.25 30.99
C LEU A 14 30.62 -9.74 29.98
N ARG A 15 31.88 -9.74 30.33
CA ARG A 15 32.96 -10.21 29.41
C ARG A 15 32.78 -11.69 29.06
N GLN A 16 32.40 -12.53 30.05
CA GLN A 16 32.08 -13.95 29.77
C GLN A 16 30.95 -14.09 28.74
N ALA A 17 29.95 -13.28 28.90
CA ALA A 17 28.76 -13.34 28.04
C ALA A 17 29.23 -12.95 26.63
N LYS A 18 29.92 -11.84 26.56
CA LYS A 18 30.47 -11.35 25.26
C LYS A 18 31.33 -12.40 24.54
N LEU A 19 32.12 -13.15 25.27
CA LEU A 19 32.96 -14.20 24.63
C LEU A 19 32.16 -15.33 23.88
N GLY A 20 30.90 -15.54 24.30
CA GLY A 20 30.08 -16.55 23.65
C GLY A 20 29.29 -15.94 22.48
N LEU A 21 29.64 -14.71 22.02
CA LEU A 21 28.97 -14.06 20.91
C LEU A 21 29.94 -13.61 19.94
N SER A 22 29.55 -13.65 18.66
CA SER A 22 30.35 -12.99 17.61
C SER A 22 29.82 -11.50 17.41
N ASP A 23 30.75 -10.54 17.26
CA ASP A 23 30.46 -9.11 17.28
C ASP A 23 31.14 -8.45 16.05
N PRO A 24 30.67 -8.79 14.86
CA PRO A 24 31.36 -8.33 13.63
C PRO A 24 31.32 -6.81 13.47
N ALA A 25 30.35 -6.14 14.07
CA ALA A 25 30.26 -4.62 13.96
C ALA A 25 31.05 -3.88 15.09
N GLN A 26 31.62 -4.69 16.02
CA GLN A 26 32.40 -4.12 17.20
C GLN A 26 31.56 -3.26 18.09
N SER A 27 30.27 -3.62 18.19
CA SER A 27 29.39 -2.86 19.01
C SER A 27 29.78 -2.92 20.51
N LEU A 28 30.44 -4.00 20.94
CA LEU A 28 30.86 -4.15 22.33
C LEU A 28 32.34 -3.82 22.61
N SER A 29 32.93 -3.02 21.78
CA SER A 29 34.36 -2.61 21.99
C SER A 29 34.56 -1.90 23.37
N SER A 30 33.53 -1.25 23.88
CA SER A 30 33.67 -0.61 25.20
C SER A 30 33.84 -1.64 26.28
N TRP A 31 33.33 -2.80 26.10
CA TRP A 31 33.44 -3.88 27.09
C TRP A 31 34.81 -4.47 27.27
N SER A 32 35.61 -4.58 26.24
CA SER A 32 36.98 -5.19 26.39
C SER A 32 38.13 -4.30 26.15
N ASP A 33 37.94 -2.97 26.17
CA ASP A 33 39.05 -2.10 25.79
C ASP A 33 39.72 -1.41 27.02
N ASN A 34 41.00 -1.63 27.28
CA ASN A 34 41.66 -0.99 28.40
C ASN A 34 40.83 -1.08 29.71
N ASN A 35 40.78 -2.27 30.31
CA ASN A 35 40.03 -2.46 31.56
C ASN A 35 40.45 -1.38 32.53
N ASP A 36 39.51 -0.70 33.14
CA ASP A 36 39.76 0.52 33.93
C ASP A 36 38.37 1.19 34.02
N VAL A 37 37.77 1.60 32.89
CA VAL A 37 36.47 2.29 32.94
C VAL A 37 35.55 1.31 33.63
N THR A 38 34.70 1.76 34.55
CA THR A 38 33.88 0.83 35.31
C THR A 38 32.83 0.31 34.38
N PRO A 39 32.34 -0.93 34.64
CA PRO A 39 31.35 -1.39 33.66
C PRO A 39 30.09 -0.51 33.58
N CYS A 40 29.78 0.14 34.65
CA CYS A 40 28.59 0.97 34.71
C CYS A 40 28.45 1.93 33.52
N LYS A 41 29.56 2.23 32.87
CA LYS A 41 29.59 3.17 31.73
C LYS A 41 29.84 2.50 30.38
N TRP A 42 29.94 1.21 30.36
CA TRP A 42 29.97 0.45 29.13
C TRP A 42 28.69 0.59 28.34
N LEU A 43 28.76 0.55 27.01
CA LEU A 43 27.62 0.70 26.14
C LEU A 43 26.58 -0.37 26.40
N GLY A 44 25.35 0.07 26.53
CA GLY A 44 24.23 -0.80 26.80
C GLY A 44 24.03 -1.27 28.26
N VAL A 45 24.88 -0.83 29.18
CA VAL A 45 24.93 -1.33 30.51
C VAL A 45 24.38 -0.26 31.45
N SER A 46 23.48 -0.62 32.34
CA SER A 46 23.01 0.39 33.40
C SER A 46 23.09 -0.25 34.77
N CYS A 47 23.53 0.53 35.73
CA CYS A 47 23.77 0.11 37.07
C CYS A 47 22.85 0.80 38.07
N ASP A 48 22.69 0.15 39.23
CA ASP A 48 22.02 0.76 40.37
C ASP A 48 23.02 1.56 41.12
N ALA A 49 22.63 2.18 42.26
CA ALA A 49 23.50 3.00 43.03
C ALA A 49 24.71 2.24 43.68
N THR A 50 24.56 0.93 43.88
CA THR A 50 25.64 0.10 44.51
C THR A 50 26.56 -0.49 43.38
N SER A 51 26.39 0.01 42.16
CA SER A 51 27.21 -0.35 40.99
C SER A 51 27.02 -1.80 40.49
N ASN A 52 25.85 -2.35 40.67
CA ASN A 52 25.48 -3.66 40.19
C ASN A 52 24.71 -3.44 38.97
N VAL A 53 24.97 -4.29 37.97
CA VAL A 53 24.26 -4.20 36.72
C VAL A 53 22.80 -4.56 36.90
N VAL A 54 21.95 -3.70 36.39
CA VAL A 54 20.50 -3.90 36.50
C VAL A 54 19.81 -4.06 35.12
N SER A 55 20.49 -3.61 34.06
CA SER A 55 19.86 -3.60 32.67
C SER A 55 21.01 -3.73 31.70
N VAL A 56 20.83 -4.62 30.75
CA VAL A 56 21.69 -4.78 29.61
C VAL A 56 20.79 -4.62 28.38
N ASP A 57 21.12 -3.63 27.53
CA ASP A 57 20.28 -3.31 26.35
C ASP A 57 21.22 -3.33 25.17
N LEU A 58 21.20 -4.44 24.41
CA LEU A 58 22.07 -4.61 23.24
C LEU A 58 21.29 -4.49 21.95
N SER A 59 20.23 -3.66 21.96
CA SER A 59 19.38 -3.55 20.79
C SER A 59 20.13 -3.06 19.56
N SER A 60 19.98 -3.78 18.41
CA SER A 60 20.45 -3.34 17.12
C SER A 60 22.00 -3.40 17.09
N PHE A 61 22.60 -4.28 17.88
CA PHE A 61 24.10 -4.35 17.94
C PHE A 61 24.72 -5.34 16.96
N MET A 62 23.89 -6.06 16.26
CA MET A 62 24.36 -7.00 15.14
C MET A 62 25.19 -8.20 15.68
N LEU A 63 24.87 -8.62 16.89
CA LEU A 63 25.55 -9.68 17.60
C LEU A 63 24.99 -11.01 17.04
N VAL A 64 25.87 -12.00 16.93
CA VAL A 64 25.56 -13.33 16.42
C VAL A 64 25.89 -14.40 17.42
N GLY A 65 24.95 -15.30 17.68
CA GLY A 65 25.30 -16.50 18.43
C GLY A 65 24.14 -16.93 19.37
N PRO A 66 24.38 -17.93 20.22
CA PRO A 66 23.26 -18.49 20.98
C PRO A 66 22.90 -17.49 22.06
N PHE A 67 21.74 -17.71 22.62
CA PHE A 67 21.27 -16.84 23.69
C PHE A 67 22.31 -16.77 24.84
N PRO A 68 22.78 -15.54 25.25
CA PRO A 68 23.83 -15.37 26.23
C PRO A 68 23.36 -15.50 27.69
N SER A 69 23.05 -16.75 28.04
CA SER A 69 22.54 -17.23 29.34
C SER A 69 23.39 -16.68 30.47
N ILE A 70 24.70 -16.57 30.20
CA ILE A 70 25.62 -16.08 31.25
C ILE A 70 25.19 -14.67 31.84
N LEU A 71 24.58 -13.78 31.03
CA LEU A 71 24.08 -12.47 31.53
C LEU A 71 23.18 -12.61 32.71
N CYS A 72 22.39 -13.68 32.75
CA CYS A 72 21.51 -13.98 33.87
C CYS A 72 22.23 -14.26 35.21
N HIS A 73 23.54 -14.52 35.17
CA HIS A 73 24.33 -14.74 36.39
CA HIS A 73 24.35 -14.75 36.34
C HIS A 73 24.58 -13.38 37.09
N LEU A 74 24.29 -12.25 36.42
CA LEU A 74 24.42 -10.88 37.07
C LEU A 74 23.32 -10.84 38.12
N PRO A 75 23.70 -10.79 39.45
CA PRO A 75 22.69 -10.95 40.47
C PRO A 75 21.52 -9.93 40.43
N SER A 76 21.75 -8.69 39.95
CA SER A 76 20.69 -7.69 39.95
C SER A 76 20.08 -7.42 38.62
N LEU A 77 20.40 -8.24 37.61
CA LEU A 77 19.83 -8.04 36.33
C LEU A 77 18.29 -8.23 36.31
N HIS A 78 17.59 -7.18 35.90
CA HIS A 78 16.15 -7.08 35.84
C HIS A 78 15.60 -6.89 34.44
N SER A 79 16.37 -6.28 33.55
CA SER A 79 16.03 -6.00 32.20
C SER A 79 17.09 -6.48 31.23
N LEU A 80 16.67 -7.34 30.29
CA LEU A 80 17.57 -7.75 29.20
C LEU A 80 16.91 -7.52 27.88
N SER A 81 17.57 -6.74 26.99
CA SER A 81 17.11 -6.61 25.58
C SER A 81 18.15 -6.98 24.57
N LEU A 82 17.84 -7.96 23.75
CA LEU A 82 18.63 -8.36 22.58
C LEU A 82 17.83 -8.07 21.32
N TYR A 83 16.92 -7.12 21.39
CA TYR A 83 16.08 -6.69 20.27
C TYR A 83 16.99 -6.42 19.00
N ASN A 84 16.63 -7.06 17.90
CA ASN A 84 17.19 -6.81 16.57
C ASN A 84 18.68 -7.17 16.56
N ASN A 85 18.99 -8.46 16.74
CA ASN A 85 20.36 -8.94 16.54
C ASN A 85 20.28 -10.22 15.67
N SER A 86 21.27 -11.09 15.80
CA SER A 86 21.28 -12.38 15.17
C SER A 86 21.49 -13.50 16.20
N ILE A 87 20.78 -13.42 17.30
CA ILE A 87 20.77 -14.51 18.24
C ILE A 87 20.04 -15.68 17.58
N ASN A 88 20.66 -16.86 17.61
CA ASN A 88 20.24 -17.94 16.74
C ASN A 88 20.18 -19.24 17.48
N GLY A 89 19.89 -20.33 16.77
CA GLY A 89 19.67 -21.60 17.43
C GLY A 89 18.27 -21.61 18.08
N SER A 90 18.05 -22.50 19.02
CA SER A 90 16.76 -22.61 19.72
C SER A 90 16.93 -22.29 21.14
N LEU A 91 15.82 -22.02 21.81
CA LEU A 91 15.81 -21.78 23.25
C LEU A 91 15.73 -23.13 23.98
N SER A 92 16.51 -23.32 25.01
CA SER A 92 16.47 -24.56 25.83
C SER A 92 15.84 -24.23 27.20
N ALA A 93 15.40 -25.27 27.92
CA ALA A 93 14.92 -25.12 29.31
C ALA A 93 15.97 -24.38 30.09
N ASP A 94 17.18 -24.91 29.97
CA ASP A 94 18.37 -24.48 30.68
C ASP A 94 18.73 -23.04 30.41
N ASP A 95 18.45 -22.52 29.21
CA ASP A 95 18.86 -21.17 28.89
C ASP A 95 18.41 -20.17 29.93
N PHE A 96 17.22 -20.41 30.52
CA PHE A 96 16.60 -19.49 31.43
C PHE A 96 16.60 -19.91 32.95
N ASP A 97 17.25 -21.03 33.28
CA ASP A 97 17.42 -21.58 34.66
C ASP A 97 17.74 -20.56 35.73
N THR A 98 18.61 -19.65 35.34
CA THR A 98 19.14 -18.66 36.27
C THR A 98 18.54 -17.27 36.08
N CYS A 99 17.57 -17.11 35.15
CA CYS A 99 17.03 -15.77 34.77
C CYS A 99 15.83 -15.32 35.63
N HIS A 100 15.58 -16.02 36.73
CA HIS A 100 14.36 -15.78 37.52
C HIS A 100 14.19 -14.35 38.10
N ASN A 101 15.27 -13.56 38.24
CA ASN A 101 15.09 -12.11 38.59
C ASN A 101 14.62 -11.21 37.44
N LEU A 102 14.58 -11.67 36.16
CA LEU A 102 14.21 -10.76 35.13
C LEU A 102 12.72 -10.29 35.27
N ILE A 103 12.54 -9.03 34.96
CA ILE A 103 11.25 -8.34 34.78
C ILE A 103 10.88 -8.06 33.35
N SER A 104 11.89 -7.88 32.52
CA SER A 104 11.76 -7.48 31.14
C SER A 104 12.75 -8.34 30.30
N LEU A 105 12.24 -9.04 29.31
CA LEU A 105 13.02 -9.84 28.35
C LEU A 105 12.52 -9.59 26.92
N ASP A 106 13.43 -9.07 26.11
CA ASP A 106 13.11 -8.70 24.73
C ASP A 106 14.06 -9.42 23.79
N LEU A 107 13.56 -10.45 23.15
CA LEU A 107 14.27 -11.27 22.14
C LEU A 107 13.75 -11.12 20.72
N SER A 108 12.97 -10.06 20.48
CA SER A 108 12.31 -9.79 19.20
C SER A 108 13.37 -9.51 18.13
N GLU A 109 13.03 -9.94 16.90
CA GLU A 109 13.80 -9.68 15.67
C GLU A 109 15.19 -10.30 15.78
N ASN A 110 15.22 -11.61 15.95
CA ASN A 110 16.43 -12.44 15.91
C ASN A 110 16.19 -13.61 14.96
N LEU A 111 16.95 -14.70 15.10
CA LEU A 111 16.98 -15.86 14.30
C LEU A 111 16.56 -17.16 15.06
N LEU A 112 15.89 -17.07 16.16
CA LEU A 112 15.57 -18.24 16.94
C LEU A 112 14.53 -19.15 16.19
N VAL A 113 14.73 -20.44 16.31
CA VAL A 113 13.99 -21.51 15.70
C VAL A 113 13.55 -22.44 16.87
N GLY A 114 12.73 -23.41 16.54
CA GLY A 114 12.32 -24.42 17.51
C GLY A 114 11.25 -23.90 18.47
N SER A 115 10.93 -24.76 19.44
CA SER A 115 9.72 -24.55 20.29
C SER A 115 10.11 -23.58 21.43
N ILE A 116 9.12 -22.92 21.93
CA ILE A 116 9.23 -22.22 23.26
C ILE A 116 9.30 -23.30 24.34
N PRO A 117 10.35 -23.22 25.24
CA PRO A 117 10.38 -24.20 26.34
C PRO A 117 9.11 -24.08 27.23
N LYS A 118 8.56 -25.23 27.55
CA LYS A 118 7.34 -25.36 28.38
C LYS A 118 7.66 -24.79 29.84
N SER A 119 8.92 -24.95 30.26
CA SER A 119 9.43 -24.44 31.53
C SER A 119 9.62 -22.90 31.67
N LEU A 120 9.46 -22.15 30.60
CA LEU A 120 9.74 -20.72 30.59
C LEU A 120 9.07 -19.93 31.67
N PRO A 121 7.77 -20.05 31.81
CA PRO A 121 7.11 -19.37 32.96
C PRO A 121 7.60 -19.67 34.39
N PHE A 122 7.91 -20.92 34.66
CA PHE A 122 8.44 -21.33 35.90
C PHE A 122 9.90 -20.71 36.15
N ASN A 123 10.66 -20.63 35.07
CA ASN A 123 12.05 -20.07 35.19
C ASN A 123 12.07 -18.54 35.22
N LEU A 124 11.05 -17.91 34.70
CA LEU A 124 10.91 -16.43 34.62
C LEU A 124 9.63 -15.96 35.28
N PRO A 125 9.44 -16.30 36.53
CA PRO A 125 8.15 -16.03 37.21
C PRO A 125 7.89 -14.56 37.45
N ASN A 126 8.92 -13.72 37.44
CA ASN A 126 8.72 -12.28 37.79
C ASN A 126 8.54 -11.40 36.56
N LEU A 127 8.50 -11.97 35.34
CA LEU A 127 8.40 -11.19 34.15
C LEU A 127 7.10 -10.33 34.10
N LYS A 128 7.26 -9.09 33.73
CA LYS A 128 6.22 -8.17 33.36
C LYS A 128 6.15 -8.00 31.85
N PHE A 129 7.26 -8.13 31.14
CA PHE A 129 7.26 -7.84 29.72
C PHE A 129 8.00 -8.95 29.06
N LEU A 130 7.34 -9.59 28.07
CA LEU A 130 8.04 -10.66 27.33
C LEU A 130 7.74 -10.43 25.82
N GLU A 131 8.84 -10.25 25.05
CA GLU A 131 8.73 -10.14 23.64
C GLU A 131 9.66 -11.05 22.93
N ILE A 132 9.11 -11.84 22.01
CA ILE A 132 9.93 -12.72 21.15
C ILE A 132 9.27 -12.68 19.75
N SER A 133 8.98 -11.48 19.33
CA SER A 133 8.32 -11.26 18.05
C SER A 133 9.34 -11.35 16.93
N GLY A 134 8.92 -11.74 15.67
CA GLY A 134 9.79 -11.64 14.52
C GLY A 134 10.95 -12.65 14.59
N ASN A 135 10.70 -13.88 15.04
CA ASN A 135 11.69 -14.98 14.94
C ASN A 135 11.11 -16.09 14.10
N ASN A 136 11.59 -17.33 14.22
CA ASN A 136 11.05 -18.49 13.53
C ASN A 136 10.61 -19.56 14.50
N LEU A 137 10.01 -19.19 15.62
CA LEU A 137 9.55 -20.16 16.56
C LEU A 137 8.41 -21.02 16.00
N SER A 138 8.40 -22.28 16.43
CA SER A 138 7.41 -23.27 15.90
C SER A 138 6.83 -24.07 17.03
N ASP A 139 5.98 -25.02 16.73
CA ASP A 139 5.15 -25.65 17.81
C ASP A 139 4.19 -24.66 18.45
N THR A 140 3.58 -25.05 19.58
CA THR A 140 2.39 -24.37 20.12
C THR A 140 2.89 -23.40 21.19
N ILE A 141 2.01 -22.48 21.51
CA ILE A 141 2.34 -21.64 22.67
C ILE A 141 2.05 -22.54 23.93
N PRO A 142 3.01 -22.77 24.79
CA PRO A 142 2.81 -23.70 25.95
C PRO A 142 1.62 -23.25 26.82
N SER A 143 0.79 -24.19 27.25
CA SER A 143 -0.28 -23.88 28.19
C SER A 143 0.21 -23.42 29.56
N SER A 144 1.44 -23.75 29.88
CA SER A 144 2.16 -23.20 31.00
C SER A 144 2.17 -21.70 31.07
N PHE A 145 1.99 -20.99 29.92
CA PHE A 145 1.97 -19.55 29.90
C PHE A 145 0.89 -18.96 30.82
N GLY A 146 -0.16 -19.73 31.05
CA GLY A 146 -1.25 -19.33 31.96
C GLY A 146 -0.79 -19.23 33.42
N GLU A 147 0.39 -19.73 33.76
CA GLU A 147 0.93 -19.64 35.12
C GLU A 147 1.66 -18.26 35.46
N PHE A 148 1.92 -17.41 34.51
CA PHE A 148 2.55 -16.14 34.82
C PHE A 148 1.64 -15.27 35.73
N ARG A 149 2.23 -14.80 36.83
CA ARG A 149 1.49 -14.05 37.87
C ARG A 149 1.62 -12.54 37.71
N LYS A 150 2.58 -12.08 36.92
CA LYS A 150 2.80 -10.63 36.84
C LYS A 150 2.84 -10.08 35.45
N LEU A 151 2.75 -10.93 34.42
CA LEU A 151 2.96 -10.49 33.09
C LEU A 151 1.93 -9.45 32.64
N GLU A 152 2.44 -8.34 32.10
CA GLU A 152 1.74 -7.23 31.66
C GLU A 152 1.65 -7.13 30.11
N SER A 153 2.68 -7.64 29.41
CA SER A 153 2.66 -7.51 27.95
C SER A 153 3.32 -8.75 27.44
N LEU A 154 2.73 -9.38 26.40
CA LEU A 154 3.25 -10.57 25.75
C LEU A 154 3.20 -10.31 24.25
N ASN A 155 4.33 -10.44 23.59
CA ASN A 155 4.38 -10.24 22.13
C ASN A 155 5.10 -11.42 21.56
N LEU A 156 4.33 -12.30 20.90
CA LEU A 156 4.87 -13.42 20.10
C LEU A 156 4.54 -13.27 18.59
N ALA A 157 4.19 -12.06 18.15
CA ALA A 157 3.80 -11.87 16.74
C ALA A 157 4.93 -12.21 15.82
N GLY A 158 4.56 -12.65 14.62
CA GLY A 158 5.51 -12.91 13.47
C GLY A 158 6.47 -14.05 13.75
N ASN A 159 5.96 -15.19 14.11
CA ASN A 159 6.67 -16.44 14.19
C ASN A 159 5.91 -17.50 13.36
N PHE A 160 6.25 -18.77 13.53
CA PHE A 160 5.55 -19.86 12.90
C PHE A 160 4.80 -20.73 13.95
N LEU A 161 4.36 -20.10 15.01
CA LEU A 161 3.66 -20.83 16.07
C LEU A 161 2.36 -21.48 15.48
N SER A 162 2.06 -22.69 15.90
CA SER A 162 0.92 -23.40 15.42
C SER A 162 0.06 -23.97 16.54
N GLY A 163 -0.86 -24.84 16.15
CA GLY A 163 -1.93 -25.32 17.12
C GLY A 163 -2.83 -24.12 17.23
N THR A 164 -3.44 -23.97 18.40
CA THR A 164 -4.45 -22.92 18.60
C THR A 164 -4.02 -22.10 19.84
N ILE A 165 -4.49 -20.86 19.88
CA ILE A 165 -4.14 -19.95 20.99
C ILE A 165 -4.61 -20.55 22.34
N PRO A 166 -3.74 -20.72 23.35
CA PRO A 166 -4.19 -21.56 24.46
C PRO A 166 -5.17 -20.80 25.36
N ALA A 167 -6.21 -21.49 25.68
CA ALA A 167 -7.28 -20.95 26.63
C ALA A 167 -6.68 -20.46 27.99
N SER A 168 -5.60 -21.03 28.40
CA SER A 168 -4.97 -20.73 29.71
C SER A 168 -4.40 -19.29 29.75
N LEU A 169 -4.18 -18.66 28.61
CA LEU A 169 -3.79 -17.27 28.59
C LEU A 169 -4.81 -16.38 29.28
N GLY A 170 -6.09 -16.80 29.31
CA GLY A 170 -7.07 -16.05 30.09
C GLY A 170 -6.88 -16.01 31.59
N ASN A 171 -6.04 -16.89 32.12
CA ASN A 171 -5.64 -16.86 33.47
C ASN A 171 -4.65 -15.72 33.83
N VAL A 172 -4.02 -15.13 32.83
CA VAL A 172 -2.94 -14.14 33.04
C VAL A 172 -3.56 -12.75 33.20
N THR A 173 -4.33 -12.58 34.29
CA THR A 173 -5.21 -11.41 34.39
C THR A 173 -4.54 -10.09 34.55
N THR A 174 -3.23 -10.10 34.78
CA THR A 174 -2.41 -8.89 34.75
C THR A 174 -2.11 -8.36 33.38
N LEU A 175 -2.44 -9.11 32.32
CA LEU A 175 -2.10 -8.66 30.96
C LEU A 175 -2.83 -7.41 30.52
N LYS A 176 -2.09 -6.46 30.00
CA LYS A 176 -2.56 -5.26 29.37
C LYS A 176 -2.36 -5.30 27.81
N GLU A 177 -1.44 -6.12 27.33
CA GLU A 177 -1.17 -6.21 25.92
C GLU A 177 -0.95 -7.67 25.55
N LEU A 178 -1.68 -8.13 24.53
CA LEU A 178 -1.62 -9.51 24.06
C LEU A 178 -1.44 -9.44 22.53
N LYS A 179 -0.23 -9.71 22.05
CA LYS A 179 0.13 -9.62 20.63
C LYS A 179 0.64 -10.98 20.14
N LEU A 180 -0.16 -11.62 19.30
CA LEU A 180 0.05 -13.01 18.79
C LEU A 180 0.00 -13.01 17.28
N ALA A 181 -0.12 -11.84 16.69
CA ALA A 181 -0.40 -11.71 15.24
C ALA A 181 0.56 -12.40 14.32
N TYR A 182 0.08 -12.88 13.18
CA TYR A 182 1.06 -13.37 12.09
C TYR A 182 1.82 -14.66 12.48
N ASN A 183 1.05 -15.68 12.93
CA ASN A 183 1.58 -16.99 13.24
C ASN A 183 0.86 -17.99 12.33
N LEU A 184 1.08 -19.26 12.55
CA LEU A 184 0.50 -20.31 11.68
C LEU A 184 -0.52 -21.15 12.46
N PHE A 185 -1.39 -20.53 13.22
CA PHE A 185 -2.33 -21.28 14.01
C PHE A 185 -3.30 -22.08 13.05
N SER A 186 -3.85 -23.14 13.59
CA SER A 186 -4.91 -23.92 12.90
C SER A 186 -6.12 -23.07 13.00
N PRO A 187 -7.08 -23.31 12.14
CA PRO A 187 -8.25 -22.47 12.14
C PRO A 187 -9.07 -22.72 13.37
N SER A 188 -9.41 -21.64 14.07
CA SER A 188 -10.06 -21.79 15.35
C SER A 188 -10.68 -20.47 15.77
N GLN A 189 -11.55 -20.53 16.76
CA GLN A 189 -12.20 -19.37 17.26
C GLN A 189 -11.26 -18.65 18.23
N ILE A 190 -11.51 -17.38 18.42
CA ILE A 190 -10.86 -16.70 19.49
C ILE A 190 -11.34 -17.34 20.79
N PRO A 191 -10.41 -17.76 21.68
CA PRO A 191 -10.83 -18.45 22.91
C PRO A 191 -11.65 -17.52 23.76
N SER A 192 -12.73 -18.07 24.19
CA SER A 192 -13.68 -17.40 25.07
C SER A 192 -13.00 -16.79 26.34
N GLN A 193 -12.05 -17.55 26.81
CA GLN A 193 -11.38 -17.23 28.04
C GLN A 193 -10.59 -15.93 27.93
N LEU A 194 -10.23 -15.43 26.72
CA LEU A 194 -9.56 -14.17 26.63
C LEU A 194 -10.44 -13.00 27.19
N GLY A 195 -11.74 -13.18 27.26
CA GLY A 195 -12.68 -12.30 27.98
C GLY A 195 -12.42 -12.04 29.41
N ASN A 196 -11.66 -12.93 30.05
CA ASN A 196 -11.21 -12.79 31.42
C ASN A 196 -10.07 -11.78 31.62
N LEU A 197 -9.47 -11.34 30.55
CA LEU A 197 -8.28 -10.41 30.61
C LEU A 197 -8.79 -9.01 30.64
N THR A 198 -9.52 -8.70 31.72
CA THR A 198 -10.26 -7.41 31.76
C THR A 198 -9.40 -6.14 31.75
N GLU A 199 -8.13 -6.27 32.02
CA GLU A 199 -7.24 -5.09 31.94
C GLU A 199 -6.75 -4.89 30.52
N LEU A 200 -7.02 -5.80 29.56
CA LEU A 200 -6.37 -5.62 28.25
C LEU A 200 -6.62 -4.27 27.56
N GLN A 201 -5.59 -3.69 27.06
CA GLN A 201 -5.61 -2.43 26.29
C GLN A 201 -5.31 -2.68 24.81
N VAL A 202 -4.52 -3.66 24.56
CA VAL A 202 -4.09 -4.05 23.20
C VAL A 202 -4.34 -5.51 22.94
N LEU A 203 -5.19 -5.85 21.90
CA LEU A 203 -5.34 -7.20 21.50
C LEU A 203 -5.09 -7.29 19.98
N TRP A 204 -3.98 -7.88 19.63
CA TRP A 204 -3.50 -7.94 18.22
C TRP A 204 -3.43 -9.44 17.85
N LEU A 205 -4.47 -9.94 17.08
CA LEU A 205 -4.51 -11.32 16.65
C LEU A 205 -4.73 -11.31 15.13
N ALA A 206 -4.13 -10.34 14.45
CA ALA A 206 -4.22 -10.34 12.98
C ALA A 206 -3.52 -11.57 12.40
N GLY A 207 -4.01 -12.11 11.24
CA GLY A 207 -3.39 -13.25 10.62
C GLY A 207 -3.16 -14.45 11.56
N CYS A 208 -4.21 -14.84 12.28
CA CYS A 208 -4.19 -15.92 13.22
C CYS A 208 -5.09 -17.06 12.82
N ASN A 209 -5.60 -17.05 11.58
CA ASN A 209 -6.47 -18.11 11.11
C ASN A 209 -7.75 -18.25 11.98
N LEU A 210 -8.28 -17.12 12.43
CA LEU A 210 -9.45 -17.14 13.30
C LEU A 210 -10.72 -17.29 12.43
N VAL A 211 -11.61 -18.10 12.92
CA VAL A 211 -12.96 -18.28 12.30
C VAL A 211 -14.01 -17.99 13.36
N GLY A 212 -15.26 -17.87 12.90
CA GLY A 212 -16.33 -17.69 13.82
C GLY A 212 -16.48 -16.24 14.35
N PRO A 213 -17.43 -16.02 15.24
CA PRO A 213 -17.69 -14.63 15.66
C PRO A 213 -16.66 -14.22 16.71
N ILE A 214 -16.58 -12.93 16.87
CA ILE A 214 -15.87 -12.42 18.07
C ILE A 214 -16.72 -12.91 19.25
N PRO A 215 -16.07 -13.56 20.26
CA PRO A 215 -16.84 -14.13 21.32
C PRO A 215 -17.54 -13.05 22.15
N PRO A 216 -18.79 -13.36 22.59
CA PRO A 216 -19.54 -12.42 23.43
C PRO A 216 -18.77 -12.01 24.73
N SER A 217 -17.94 -12.91 25.28
CA SER A 217 -17.16 -12.59 26.48
C SER A 217 -16.22 -11.43 26.33
N LEU A 218 -15.76 -11.10 25.10
CA LEU A 218 -14.84 -9.97 24.90
C LEU A 218 -15.47 -8.60 25.19
N SER A 219 -16.79 -8.59 25.40
CA SER A 219 -17.44 -7.39 25.87
C SER A 219 -16.95 -7.00 27.29
N ARG A 220 -16.32 -7.90 28.03
CA ARG A 220 -15.74 -7.58 29.30
C ARG A 220 -14.42 -6.76 29.19
N LEU A 221 -13.89 -6.65 27.99
CA LEU A 221 -12.60 -5.89 27.75
C LEU A 221 -12.87 -4.43 27.59
N THR A 222 -13.29 -3.81 28.64
CA THR A 222 -13.78 -2.43 28.60
C THR A 222 -12.62 -1.40 28.55
N SER A 223 -11.43 -1.90 28.79
CA SER A 223 -10.24 -0.99 28.72
C SER A 223 -9.58 -1.05 27.36
N LEU A 224 -10.11 -1.73 26.37
CA LEU A 224 -9.42 -1.81 25.05
C LEU A 224 -9.24 -0.44 24.41
N VAL A 225 -8.02 -0.24 23.91
CA VAL A 225 -7.54 0.95 23.20
C VAL A 225 -7.31 0.56 21.71
N ASN A 226 -6.75 -0.60 21.50
CA ASN A 226 -6.37 -1.08 20.10
C ASN A 226 -6.78 -2.48 19.99
N LEU A 227 -7.78 -2.72 19.10
CA LEU A 227 -8.30 -4.01 18.79
C LEU A 227 -7.97 -4.21 17.32
N ASP A 228 -7.15 -5.20 17.04
CA ASP A 228 -6.68 -5.45 15.66
C ASP A 228 -6.80 -6.97 15.39
N LEU A 229 -7.81 -7.27 14.59
CA LEU A 229 -8.13 -8.61 14.17
C LEU A 229 -8.13 -8.79 12.64
N THR A 230 -7.27 -8.05 11.98
CA THR A 230 -7.18 -7.98 10.53
C THR A 230 -6.76 -9.31 9.97
N PHE A 231 -7.11 -9.58 8.71
CA PHE A 231 -6.62 -10.77 8.05
C PHE A 231 -7.04 -12.07 8.82
N ASN A 232 -8.35 -12.29 8.96
CA ASN A 232 -8.88 -13.56 9.48
C ASN A 232 -10.15 -13.91 8.75
N GLN A 233 -10.95 -14.87 9.20
CA GLN A 233 -12.26 -15.16 8.56
C GLN A 233 -13.35 -15.10 9.65
N LEU A 234 -13.31 -14.05 10.47
CA LEU A 234 -14.33 -13.86 11.49
C LEU A 234 -15.65 -13.49 10.82
N THR A 235 -16.73 -13.94 11.41
CA THR A 235 -18.07 -13.85 10.87
C THR A 235 -19.02 -13.19 11.88
N GLY A 236 -20.25 -12.94 11.43
CA GLY A 236 -21.34 -12.28 12.25
C GLY A 236 -21.05 -10.81 12.28
N SER A 237 -21.78 -10.14 13.15
CA SER A 237 -21.82 -8.69 13.29
C SER A 237 -20.60 -8.18 14.04
N ILE A 238 -20.21 -6.96 13.72
CA ILE A 238 -19.27 -6.19 14.56
C ILE A 238 -20.02 -5.82 15.81
N PRO A 239 -19.58 -6.33 16.92
CA PRO A 239 -20.46 -6.13 18.17
C PRO A 239 -20.55 -4.69 18.62
N SER A 240 -21.71 -4.29 19.07
CA SER A 240 -21.95 -2.89 19.44
C SER A 240 -21.20 -2.44 20.70
N TRP A 241 -20.66 -3.37 21.54
CA TRP A 241 -19.93 -3.01 22.76
C TRP A 241 -18.61 -2.25 22.40
N ILE A 242 -18.09 -2.45 21.17
CA ILE A 242 -16.92 -1.62 20.76
C ILE A 242 -17.25 -0.14 20.82
N THR A 243 -18.53 0.25 20.57
CA THR A 243 -18.95 1.64 20.62
C THR A 243 -19.00 2.30 21.93
N GLN A 244 -19.11 1.49 22.98
CA GLN A 244 -19.10 1.95 24.35
C GLN A 244 -17.80 1.98 24.95
N LEU A 245 -16.73 1.62 24.21
CA LEU A 245 -15.38 1.66 24.79
C LEU A 245 -15.01 3.10 25.01
N LYS A 246 -14.67 3.47 26.23
CA LYS A 246 -14.52 4.88 26.49
C LYS A 246 -13.14 5.38 26.07
N THR A 247 -12.19 4.47 25.83
CA THR A 247 -10.83 4.87 25.56
C THR A 247 -10.34 4.34 24.22
N VAL A 248 -11.26 3.76 23.47
CA VAL A 248 -10.85 3.11 22.20
C VAL A 248 -10.18 4.16 21.25
N GLU A 249 -9.03 3.77 20.67
CA GLU A 249 -8.32 4.61 19.67
C GLU A 249 -8.29 3.96 18.25
N GLN A 250 -8.16 2.69 18.23
CA GLN A 250 -7.99 1.97 16.95
C GLN A 250 -8.83 0.73 16.92
N ILE A 251 -9.61 0.56 15.82
CA ILE A 251 -10.30 -0.65 15.55
C ILE A 251 -9.97 -1.10 14.09
N GLU A 252 -9.31 -2.21 13.99
CA GLU A 252 -8.80 -2.70 12.72
C GLU A 252 -9.38 -4.08 12.49
N LEU A 253 -10.27 -4.15 11.51
CA LEU A 253 -11.05 -5.39 11.24
C LEU A 253 -11.01 -5.71 9.73
N PHE A 254 -10.06 -5.09 9.00
CA PHE A 254 -9.83 -5.19 7.53
C PHE A 254 -9.76 -6.72 7.20
N ASN A 255 -10.43 -7.17 6.15
CA ASN A 255 -10.26 -8.51 5.54
C ASN A 255 -10.67 -9.64 6.47
N ASN A 256 -12.00 -9.66 6.68
CA ASN A 256 -12.68 -10.68 7.49
C ASN A 256 -13.94 -11.07 6.73
N SER A 257 -14.94 -11.66 7.40
CA SER A 257 -16.23 -11.96 6.84
C SER A 257 -17.37 -11.41 7.68
N PHE A 258 -17.15 -10.23 8.22
CA PHE A 258 -18.20 -9.57 9.00
C PHE A 258 -19.36 -9.13 8.18
N SER A 259 -20.58 -9.31 8.72
CA SER A 259 -21.76 -8.99 8.00
C SER A 259 -22.66 -8.18 8.92
N GLY A 260 -23.86 -7.87 8.50
CA GLY A 260 -24.67 -6.95 9.20
C GLY A 260 -24.22 -5.56 8.94
N GLU A 261 -24.44 -4.67 9.87
CA GLU A 261 -24.19 -3.24 9.70
C GLU A 261 -23.25 -2.65 10.72
N LEU A 262 -22.71 -1.50 10.35
CA LEU A 262 -22.00 -0.66 11.34
C LEU A 262 -22.93 -0.28 12.48
N PRO A 263 -22.51 -0.52 13.78
CA PRO A 263 -23.37 -0.16 14.84
C PRO A 263 -23.73 1.35 14.77
N GLU A 264 -25.00 1.62 14.88
CA GLU A 264 -25.53 3.01 14.81
C GLU A 264 -24.82 3.99 15.70
N SER A 265 -24.35 3.55 16.89
CA SER A 265 -23.79 4.47 17.84
C SER A 265 -22.25 4.68 17.66
N MET A 266 -21.70 4.17 16.57
CA MET A 266 -20.31 4.41 16.15
C MET A 266 -20.05 5.91 16.16
N GLY A 267 -21.09 6.71 15.85
CA GLY A 267 -20.96 8.17 15.86
C GLY A 267 -20.46 8.87 17.09
N ASN A 268 -20.68 8.29 18.27
CA ASN A 268 -20.33 8.92 19.55
C ASN A 268 -18.96 8.44 20.04
N MET A 269 -18.16 7.80 19.17
CA MET A 269 -16.78 7.28 19.61
C MET A 269 -15.78 8.41 19.49
N THR A 270 -15.86 9.37 20.40
CA THR A 270 -15.14 10.66 20.37
CA THR A 270 -15.14 10.65 20.20
C THR A 270 -13.59 10.45 20.37
N THR A 271 -13.15 9.36 20.99
CA THR A 271 -11.70 9.07 21.14
C THR A 271 -11.12 8.33 19.96
N LEU A 272 -11.95 7.79 19.10
CA LEU A 272 -11.45 7.01 17.97
C LEU A 272 -10.61 7.78 16.98
N LYS A 273 -9.44 7.22 16.71
CA LYS A 273 -8.43 7.79 15.72
C LYS A 273 -8.46 7.03 14.40
N ARG A 274 -8.62 5.72 14.42
CA ARG A 274 -8.54 4.93 13.15
C ARG A 274 -9.58 3.81 13.23
N PHE A 275 -10.38 3.73 12.19
CA PHE A 275 -11.42 2.68 12.06
C PHE A 275 -11.26 2.09 10.67
N ASP A 276 -10.96 0.79 10.62
CA ASP A 276 -10.93 0.08 9.33
C ASP A 276 -11.77 -1.18 9.41
N ALA A 277 -12.83 -1.26 8.57
CA ALA A 277 -13.66 -2.46 8.42
C ALA A 277 -13.81 -2.80 6.93
N SER A 278 -12.78 -2.47 6.19
CA SER A 278 -12.75 -2.71 4.76
C SER A 278 -12.66 -4.23 4.48
N MET A 279 -13.08 -4.63 3.24
CA MET A 279 -12.99 -5.96 2.82
C MET A 279 -13.75 -6.92 3.80
N ASN A 280 -15.03 -6.58 3.96
CA ASN A 280 -15.92 -7.47 4.66
C ASN A 280 -17.22 -7.64 3.83
N LYS A 281 -18.27 -7.93 4.53
CA LYS A 281 -19.60 -8.08 3.90
C LYS A 281 -20.63 -7.22 4.58
N LEU A 282 -20.25 -6.03 4.90
CA LEU A 282 -21.18 -5.12 5.61
C LEU A 282 -22.24 -4.54 4.65
N THR A 283 -23.41 -4.37 5.15
CA THR A 283 -24.50 -3.73 4.49
C THR A 283 -25.07 -2.57 5.27
N GLY A 284 -26.15 -1.96 4.81
CA GLY A 284 -26.69 -0.81 5.57
C GLY A 284 -25.92 0.43 5.27
N LYS A 285 -26.09 1.43 6.12
CA LYS A 285 -25.53 2.74 5.89
C LYS A 285 -24.36 3.12 6.85
N ILE A 286 -23.66 4.16 6.47
CA ILE A 286 -22.67 4.79 7.33
C ILE A 286 -23.53 5.40 8.45
N PRO A 287 -23.17 5.19 9.75
CA PRO A 287 -23.92 5.84 10.80
C PRO A 287 -23.96 7.34 10.61
N ASP A 288 -25.06 7.95 10.97
CA ASP A 288 -25.08 9.42 10.91
C ASP A 288 -24.92 10.06 12.28
N ASN A 289 -25.04 11.35 12.38
CA ASN A 289 -24.73 12.07 13.61
C ASN A 289 -23.35 11.69 14.10
N LEU A 290 -22.38 11.76 13.24
CA LEU A 290 -20.96 11.48 13.55
C LEU A 290 -20.41 12.60 14.38
N ASN A 291 -19.77 12.25 15.50
CA ASN A 291 -19.07 13.22 16.33
C ASN A 291 -17.69 12.60 16.62
N LEU A 292 -17.03 12.26 15.54
CA LEU A 292 -15.74 11.52 15.62
C LEU A 292 -14.64 12.52 15.70
N LEU A 293 -14.52 13.16 16.84
CA LEU A 293 -13.73 14.37 16.92
C LEU A 293 -12.19 14.10 16.65
N ASN A 294 -11.71 12.90 17.02
CA ASN A 294 -10.30 12.52 16.89
C ASN A 294 -9.99 11.68 15.75
N LEU A 295 -10.97 11.43 14.88
CA LEU A 295 -10.75 10.54 13.73
C LEU A 295 -9.67 11.05 12.75
N GLU A 296 -8.72 10.17 12.39
CA GLU A 296 -7.64 10.44 11.43
C GLU A 296 -7.84 9.61 10.19
N SER A 297 -8.33 8.40 10.37
CA SER A 297 -8.55 7.49 9.22
C SER A 297 -9.81 6.70 9.31
N LEU A 298 -10.58 6.69 8.22
CA LEU A 298 -11.79 5.86 8.07
C LEU A 298 -11.76 5.10 6.78
N ASN A 299 -11.60 3.78 6.89
CA ASN A 299 -11.57 2.93 5.73
C ASN A 299 -12.71 1.95 5.81
N LEU A 300 -13.58 1.95 4.79
CA LEU A 300 -14.69 1.03 4.72
C LEU A 300 -14.87 0.45 3.32
N PHE A 301 -13.75 0.42 2.55
CA PHE A 301 -13.82 -0.01 1.16
C PHE A 301 -14.14 -1.48 1.01
N GLU A 302 -14.72 -1.84 -0.15
CA GLU A 302 -15.05 -3.25 -0.54
C GLU A 302 -16.01 -3.86 0.54
N ASN A 303 -17.18 -3.21 0.65
CA ASN A 303 -18.29 -3.72 1.39
C ASN A 303 -19.54 -3.53 0.53
N MET A 304 -20.77 -3.59 1.06
CA MET A 304 -21.97 -3.32 0.33
C MET A 304 -22.79 -2.22 1.02
N LEU A 305 -22.09 -1.22 1.48
CA LEU A 305 -22.71 -0.01 2.09
C LEU A 305 -23.49 0.81 1.17
N GLU A 306 -24.62 1.29 1.59
CA GLU A 306 -25.55 2.11 0.80
C GLU A 306 -25.81 3.45 1.47
N GLY A 307 -26.54 4.31 0.80
CA GLY A 307 -26.83 5.66 1.31
C GLY A 307 -25.62 6.60 1.22
N PRO A 308 -25.73 7.77 1.81
CA PRO A 308 -24.73 8.85 1.59
C PRO A 308 -23.56 8.86 2.51
N LEU A 309 -22.55 9.70 2.20
CA LEU A 309 -21.53 10.12 3.21
C LEU A 309 -22.16 11.25 4.05
N PRO A 310 -22.38 10.99 5.37
CA PRO A 310 -23.14 12.01 6.13
C PRO A 310 -22.33 13.32 6.28
N GLU A 311 -23.03 14.44 6.24
CA GLU A 311 -22.47 15.78 6.43
C GLU A 311 -21.59 15.87 7.62
N SER A 312 -22.02 15.14 8.66
CA SER A 312 -21.31 15.13 9.91
C SER A 312 -19.93 14.57 9.89
N ILE A 313 -19.49 13.90 8.78
CA ILE A 313 -18.08 13.55 8.71
C ILE A 313 -17.19 14.83 8.82
N THR A 314 -17.68 15.98 8.41
CA THR A 314 -16.98 17.23 8.45
C THR A 314 -16.64 17.69 9.84
N ARG A 315 -17.20 17.06 10.89
CA ARG A 315 -16.81 17.38 12.24
C ARG A 315 -15.45 16.79 12.63
N SER A 316 -14.89 15.93 11.76
CA SER A 316 -13.69 15.28 12.04
C SER A 316 -12.57 16.17 11.44
N LYS A 317 -12.11 17.09 12.29
CA LYS A 317 -11.23 18.15 11.87
C LYS A 317 -9.79 17.66 11.74
N THR A 318 -9.49 16.42 12.17
CA THR A 318 -8.14 15.82 11.90
C THR A 318 -8.18 14.69 10.92
N LEU A 319 -9.26 14.53 10.19
CA LEU A 319 -9.37 13.43 9.18
C LEU A 319 -8.38 13.61 8.00
N SER A 320 -7.54 12.61 7.77
CA SER A 320 -6.58 12.62 6.71
C SER A 320 -6.78 11.52 5.66
N GLU A 321 -7.33 10.41 6.06
CA GLU A 321 -7.57 9.25 5.18
C GLU A 321 -9.02 8.82 5.15
N LEU A 322 -9.59 8.78 3.96
CA LEU A 322 -10.97 8.37 3.72
C LEU A 322 -11.05 7.48 2.51
N LYS A 323 -11.18 6.21 2.72
CA LYS A 323 -11.26 5.22 1.68
C LYS A 323 -12.58 4.46 1.80
N LEU A 324 -13.53 4.77 0.91
CA LEU A 324 -14.88 4.21 0.90
C LEU A 324 -15.19 3.45 -0.44
N PHE A 325 -14.13 3.18 -1.23
CA PHE A 325 -14.36 2.73 -2.54
C PHE A 325 -15.00 1.36 -2.60
N ASN A 326 -15.69 1.03 -3.73
CA ASN A 326 -16.28 -0.26 -3.99
C ASN A 326 -17.34 -0.53 -2.87
N ASN A 327 -18.40 0.25 -2.89
CA ASN A 327 -19.60 0.12 -2.08
C ASN A 327 -20.78 0.51 -3.04
N ARG A 328 -21.93 0.85 -2.47
CA ARG A 328 -23.08 1.26 -3.20
C ARG A 328 -23.55 2.62 -2.59
N LEU A 329 -22.58 3.47 -2.32
CA LEU A 329 -22.86 4.77 -1.73
C LEU A 329 -23.40 5.74 -2.83
N THR A 330 -24.30 6.63 -2.43
CA THR A 330 -25.05 7.51 -3.30
C THR A 330 -25.07 8.96 -2.73
N GLY A 331 -25.69 9.86 -3.49
CA GLY A 331 -25.91 11.24 -3.12
C GLY A 331 -24.68 12.11 -3.42
N VAL A 332 -24.80 13.37 -3.05
CA VAL A 332 -23.78 14.37 -3.35
C VAL A 332 -22.85 14.37 -2.14
N LEU A 333 -21.57 14.67 -2.31
CA LEU A 333 -20.68 14.69 -1.17
C LEU A 333 -21.00 15.93 -0.31
N PRO A 334 -20.77 15.86 1.02
CA PRO A 334 -20.78 17.08 1.82
C PRO A 334 -19.98 18.20 1.21
N SER A 335 -20.65 19.32 0.98
CA SER A 335 -20.05 20.35 0.15
C SER A 335 -18.76 20.92 0.82
N GLN A 336 -18.71 20.82 2.15
CA GLN A 336 -17.56 21.33 2.91
C GLN A 336 -16.42 20.35 3.12
N LEU A 337 -16.47 19.19 2.53
CA LEU A 337 -15.49 18.15 2.79
C LEU A 337 -14.11 18.64 2.46
N GLY A 338 -13.18 18.52 3.42
CA GLY A 338 -11.82 18.98 3.13
C GLY A 338 -11.50 20.41 3.58
N ALA A 339 -12.53 21.25 3.84
CA ALA A 339 -12.28 22.64 4.07
C ALA A 339 -11.58 22.82 5.42
N ASN A 340 -11.97 21.96 6.36
CA ASN A 340 -11.45 21.93 7.73
C ASN A 340 -10.79 20.66 8.19
N SER A 341 -10.35 19.81 7.26
CA SER A 341 -9.66 18.51 7.58
C SER A 341 -8.38 18.50 6.76
N PRO A 342 -7.32 17.91 7.29
CA PRO A 342 -6.05 17.81 6.51
C PRO A 342 -6.10 16.56 5.62
N LEU A 343 -7.01 16.54 4.64
CA LEU A 343 -7.23 15.34 3.80
C LEU A 343 -5.94 15.08 2.96
N GLN A 344 -5.48 13.83 3.04
CA GLN A 344 -4.26 13.42 2.40
C GLN A 344 -4.62 12.33 1.35
N TYR A 345 -5.37 11.34 1.70
CA TYR A 345 -5.77 10.20 0.81
C TYR A 345 -7.27 9.99 0.78
N VAL A 346 -7.87 10.40 -0.35
CA VAL A 346 -9.30 10.29 -0.58
C VAL A 346 -9.62 9.37 -1.73
N ASP A 347 -10.27 8.22 -1.45
CA ASP A 347 -10.54 7.23 -2.47
C ASP A 347 -12.03 6.80 -2.32
N LEU A 348 -12.89 7.36 -3.19
CA LEU A 348 -14.29 7.08 -3.18
C LEU A 348 -14.80 6.38 -4.47
N SER A 349 -13.89 5.79 -5.18
CA SER A 349 -14.14 5.15 -6.44
C SER A 349 -15.16 4.04 -6.39
N TYR A 350 -15.82 3.75 -7.55
CA TYR A 350 -16.69 2.59 -7.71
C TYR A 350 -17.89 2.69 -6.68
N ASN A 351 -18.53 3.81 -6.73
CA ASN A 351 -19.75 4.04 -5.97
C ASN A 351 -20.74 4.68 -6.91
N ARG A 352 -21.77 5.33 -6.40
CA ARG A 352 -22.76 6.01 -7.19
C ARG A 352 -22.98 7.41 -6.71
N PHE A 353 -21.91 8.06 -6.34
CA PHE A 353 -21.96 9.49 -5.95
C PHE A 353 -22.22 10.35 -7.13
N SER A 354 -22.82 11.51 -6.88
CA SER A 354 -23.30 12.42 -7.94
C SER A 354 -23.03 13.83 -7.43
N GLY A 355 -23.41 14.84 -8.23
CA GLY A 355 -23.13 16.24 -7.84
C GLY A 355 -21.67 16.61 -8.04
N GLU A 356 -21.35 17.81 -7.61
CA GLU A 356 -19.95 18.37 -7.85
C GLU A 356 -18.92 17.84 -6.87
N ILE A 357 -17.67 17.80 -7.33
CA ILE A 357 -16.56 17.46 -6.44
C ILE A 357 -16.46 18.63 -5.42
N PRO A 358 -16.48 18.35 -4.12
CA PRO A 358 -16.35 19.44 -3.11
C PRO A 358 -15.17 20.39 -3.43
N ALA A 359 -15.44 21.67 -3.47
CA ALA A 359 -14.51 22.65 -4.06
C ALA A 359 -13.25 22.85 -3.15
N ASN A 360 -13.38 22.57 -1.84
CA ASN A 360 -12.24 22.70 -0.96
C ASN A 360 -11.74 21.37 -0.48
N VAL A 361 -11.77 20.36 -1.34
CA VAL A 361 -11.30 19.04 -0.93
C VAL A 361 -9.82 19.08 -0.55
N CYS A 362 -9.10 20.00 -1.18
CA CYS A 362 -7.69 20.25 -0.89
C CYS A 362 -7.54 21.57 -0.20
N GLY A 363 -8.53 21.96 0.55
CA GLY A 363 -8.50 23.21 1.33
C GLY A 363 -7.30 23.41 2.21
N GLU A 364 -6.88 22.38 2.90
CA GLU A 364 -5.67 22.52 3.82
C GLU A 364 -4.31 22.20 3.20
N GLY A 365 -4.30 21.98 1.90
CA GLY A 365 -3.07 21.87 1.11
C GLY A 365 -2.25 20.60 1.37
N LYS A 366 -2.90 19.54 1.80
CA LYS A 366 -2.25 18.25 2.02
C LYS A 366 -2.71 17.14 1.12
N LEU A 367 -3.72 17.32 0.30
CA LEU A 367 -4.30 16.22 -0.48
C LEU A 367 -3.27 15.69 -1.50
N GLU A 368 -3.01 14.39 -1.39
CA GLU A 368 -2.04 13.71 -2.29
C GLU A 368 -2.75 12.79 -3.27
N TYR A 369 -3.72 12.04 -2.80
CA TYR A 369 -4.49 11.12 -3.70
C TYR A 369 -5.94 11.57 -3.77
N LEU A 370 -6.42 11.87 -4.97
CA LEU A 370 -7.86 12.08 -5.19
C LEU A 370 -8.32 11.07 -6.20
N ILE A 371 -8.96 10.02 -5.71
CA ILE A 371 -9.38 8.85 -6.47
C ILE A 371 -10.88 8.79 -6.46
N LEU A 372 -11.49 9.03 -7.63
CA LEU A 372 -12.99 9.15 -7.77
C LEU A 372 -13.57 8.35 -8.90
N ILE A 373 -12.80 7.41 -9.47
CA ILE A 373 -13.21 6.66 -10.60
C ILE A 373 -14.58 6.02 -10.52
N ASP A 374 -15.33 5.99 -11.64
CA ASP A 374 -16.55 5.18 -11.77
C ASP A 374 -17.58 5.70 -10.69
N ASN A 375 -17.92 6.96 -10.76
CA ASN A 375 -19.04 7.54 -10.10
C ASN A 375 -19.85 8.32 -11.10
N SER A 376 -20.72 9.23 -10.67
CA SER A 376 -21.45 10.16 -11.55
C SER A 376 -21.23 11.59 -11.14
N PHE A 377 -19.99 11.91 -10.70
CA PHE A 377 -19.63 13.33 -10.50
C PHE A 377 -19.80 14.19 -11.70
N SER A 378 -20.35 15.38 -11.51
CA SER A 378 -20.70 16.26 -12.56
C SER A 378 -20.20 17.65 -12.32
N GLY A 379 -20.40 18.46 -13.35
CA GLY A 379 -19.89 19.82 -13.38
C GLY A 379 -18.42 19.83 -13.60
N GLU A 380 -17.80 20.94 -13.16
CA GLU A 380 -16.42 21.26 -13.44
C GLU A 380 -15.48 20.92 -12.32
N ILE A 381 -14.21 20.78 -12.61
CA ILE A 381 -13.18 20.61 -11.53
C ILE A 381 -12.96 22.02 -11.05
N SER A 382 -12.92 22.22 -9.75
CA SER A 382 -12.84 23.55 -9.21
C SER A 382 -11.50 24.13 -9.47
N ASN A 383 -11.43 25.43 -9.76
CA ASN A 383 -10.13 26.14 -9.84
C ASN A 383 -9.29 25.98 -8.60
N ASN A 384 -9.91 25.84 -7.44
CA ASN A 384 -9.14 25.48 -6.21
C ASN A 384 -8.18 24.30 -6.41
N LEU A 385 -8.67 23.30 -7.13
CA LEU A 385 -7.87 22.10 -7.36
C LEU A 385 -6.64 22.35 -8.23
N GLY A 386 -6.75 23.34 -9.11
CA GLY A 386 -5.66 23.82 -9.83
C GLY A 386 -4.46 24.29 -9.06
N LYS A 387 -4.66 24.59 -7.77
CA LYS A 387 -3.63 25.07 -6.90
C LYS A 387 -3.21 24.05 -5.85
N CYS A 388 -3.71 22.83 -5.93
CA CYS A 388 -3.40 21.80 -4.93
C CYS A 388 -2.05 21.19 -5.20
N LYS A 389 -0.99 21.89 -4.77
CA LYS A 389 0.39 21.54 -5.11
C LYS A 389 0.90 20.23 -4.50
N SER A 390 0.14 19.68 -3.57
CA SER A 390 0.49 18.41 -2.91
C SER A 390 0.07 17.17 -3.72
N LEU A 391 -0.82 17.36 -4.69
CA LEU A 391 -1.35 16.20 -5.46
C LEU A 391 -0.31 15.38 -6.15
N THR A 392 -0.36 14.10 -5.91
CA THR A 392 0.44 13.12 -6.67
C THR A 392 -0.35 12.17 -7.58
N ARG A 393 -1.57 11.87 -7.24
CA ARG A 393 -2.34 10.85 -8.04
C ARG A 393 -3.75 11.30 -8.12
N VAL A 394 -4.20 11.66 -9.33
CA VAL A 394 -5.55 12.08 -9.62
C VAL A 394 -6.22 11.09 -10.55
N ARG A 395 -7.35 10.51 -10.09
CA ARG A 395 -8.06 9.54 -10.98
C ARG A 395 -9.50 9.94 -10.96
N LEU A 396 -9.94 10.61 -12.02
CA LEU A 396 -11.33 11.13 -12.13
C LEU A 396 -12.08 10.47 -13.29
N SER A 397 -11.57 9.35 -13.75
CA SER A 397 -12.14 8.71 -14.94
C SER A 397 -13.52 8.15 -14.73
N ASN A 398 -14.30 8.11 -15.82
CA ASN A 398 -15.59 7.46 -15.89
CA ASN A 398 -15.59 7.45 -15.90
C ASN A 398 -16.51 8.18 -14.91
N ASN A 399 -16.62 9.47 -15.10
CA ASN A 399 -17.62 10.28 -14.40
C ASN A 399 -18.48 11.01 -15.42
N LYS A 400 -19.17 12.10 -14.99
CA LYS A 400 -19.92 12.96 -15.90
C LYS A 400 -19.38 14.39 -15.83
N LEU A 401 -18.06 14.53 -15.68
CA LEU A 401 -17.42 15.83 -15.54
C LEU A 401 -17.30 16.52 -16.86
N SER A 402 -17.21 17.85 -16.81
CA SER A 402 -17.21 18.62 -18.08
C SER A 402 -16.46 19.93 -17.82
N GLY A 403 -16.50 20.79 -18.82
CA GLY A 403 -15.81 22.06 -18.77
C GLY A 403 -14.34 21.93 -19.01
N GLN A 404 -13.69 23.07 -18.90
CA GLN A 404 -12.26 23.18 -18.98
C GLN A 404 -11.64 22.72 -17.71
N ILE A 405 -10.45 22.13 -17.82
CA ILE A 405 -9.64 21.71 -16.68
C ILE A 405 -9.05 23.04 -16.17
N PRO A 406 -8.92 23.23 -14.82
CA PRO A 406 -8.16 24.38 -14.26
C PRO A 406 -6.73 24.42 -14.78
N HIS A 407 -6.24 25.63 -15.03
CA HIS A 407 -5.02 25.86 -15.78
C HIS A 407 -3.78 25.26 -15.16
N GLY A 408 -3.63 25.45 -13.84
CA GLY A 408 -2.44 24.99 -13.10
C GLY A 408 -2.44 23.53 -12.77
N PHE A 409 -3.58 22.88 -13.05
CA PHE A 409 -3.75 21.47 -12.79
C PHE A 409 -2.77 20.68 -13.65
N TRP A 410 -2.53 21.13 -14.89
CA TRP A 410 -1.69 20.43 -15.77
C TRP A 410 -0.18 20.49 -15.36
N GLY A 411 0.21 21.56 -14.70
CA GLY A 411 1.60 21.71 -14.28
C GLY A 411 1.93 21.55 -12.82
N LEU A 412 1.06 20.85 -12.05
CA LEU A 412 1.33 20.61 -10.60
C LEU A 412 2.63 19.81 -10.44
N PRO A 413 3.50 20.26 -9.51
CA PRO A 413 4.96 19.82 -9.57
C PRO A 413 5.25 18.43 -9.06
N ARG A 414 4.28 17.84 -8.29
CA ARG A 414 4.42 16.47 -7.82
C ARG A 414 3.46 15.44 -8.43
N LEU A 415 2.72 15.86 -9.45
CA LEU A 415 1.69 15.07 -9.96
C LEU A 415 2.33 13.97 -10.78
N SER A 416 2.01 12.70 -10.47
CA SER A 416 2.57 11.52 -11.12
C SER A 416 1.61 10.85 -12.10
N LEU A 417 0.38 10.66 -11.66
CA LEU A 417 -0.70 10.06 -12.47
C LEU A 417 -1.77 11.09 -12.61
N LEU A 418 -2.07 11.47 -13.85
CA LEU A 418 -3.20 12.36 -14.16
C LEU A 418 -4.13 11.62 -15.06
N GLU A 419 -5.23 11.14 -14.48
CA GLU A 419 -6.23 10.29 -15.18
C GLU A 419 -7.59 10.97 -15.17
N LEU A 420 -7.99 11.40 -16.32
CA LEU A 420 -9.24 12.13 -16.54
C LEU A 420 -10.18 11.44 -17.55
N SER A 421 -9.86 10.20 -17.94
CA SER A 421 -10.51 9.63 -19.16
C SER A 421 -12.02 9.42 -19.01
N ASP A 422 -12.73 9.55 -20.13
CA ASP A 422 -14.16 9.20 -20.17
C ASP A 422 -14.98 10.15 -19.30
N ASN A 423 -14.81 11.41 -19.64
CA ASN A 423 -15.63 12.49 -19.19
C ASN A 423 -16.04 13.31 -20.45
N SER A 424 -16.28 14.61 -20.34
CA SER A 424 -16.62 15.48 -21.46
C SER A 424 -15.82 16.77 -21.35
N PHE A 425 -14.58 16.67 -20.88
CA PHE A 425 -13.70 17.85 -20.72
C PHE A 425 -13.35 18.42 -22.09
N THR A 426 -13.21 19.73 -22.12
CA THR A 426 -12.99 20.51 -23.32
C THR A 426 -11.77 21.36 -23.05
N GLY A 427 -11.31 22.00 -24.12
CA GLY A 427 -10.15 22.89 -24.14
C GLY A 427 -8.92 22.24 -24.79
N SER A 428 -7.88 23.04 -24.90
CA SER A 428 -6.55 22.59 -25.33
C SER A 428 -5.72 22.34 -24.12
N ILE A 429 -4.74 21.46 -24.25
CA ILE A 429 -3.71 21.26 -23.20
C ILE A 429 -2.75 22.44 -23.27
N PRO A 430 -2.61 23.19 -22.17
CA PRO A 430 -1.74 24.37 -22.12
C PRO A 430 -0.26 24.04 -22.05
N LYS A 431 0.57 25.03 -22.38
CA LYS A 431 2.04 24.85 -22.42
C LYS A 431 2.66 24.83 -21.03
N THR A 432 1.86 25.25 -20.05
CA THR A 432 2.22 25.17 -18.65
C THR A 432 2.29 23.72 -18.08
N ILE A 433 1.87 22.73 -18.87
CA ILE A 433 2.15 21.30 -18.57
C ILE A 433 3.63 21.04 -18.34
N ILE A 434 4.48 21.89 -18.90
CA ILE A 434 5.94 21.94 -18.67
C ILE A 434 6.33 21.84 -17.18
N GLY A 435 5.45 22.37 -16.31
CA GLY A 435 5.68 22.29 -14.85
C GLY A 435 5.53 20.90 -14.18
N ALA A 436 4.95 19.93 -14.88
CA ALA A 436 4.61 18.60 -14.33
C ALA A 436 5.77 17.62 -14.35
N LYS A 437 6.83 18.02 -13.61
CA LYS A 437 8.15 17.39 -13.70
C LYS A 437 8.18 15.93 -13.34
N ASN A 438 7.23 15.53 -12.48
CA ASN A 438 7.06 14.17 -12.00
C ASN A 438 6.05 13.33 -12.77
N LEU A 439 5.40 13.92 -13.76
CA LEU A 439 4.38 13.15 -14.53
C LEU A 439 4.93 11.90 -15.12
N SER A 440 4.31 10.76 -14.79
CA SER A 440 4.53 9.45 -15.37
C SER A 440 3.44 9.02 -16.33
N ASN A 441 2.16 9.23 -15.96
CA ASN A 441 1.09 8.72 -16.78
C ASN A 441 0.08 9.79 -16.98
N LEU A 442 -0.17 10.07 -18.24
CA LEU A 442 -1.24 10.98 -18.73
C LEU A 442 -2.30 10.22 -19.42
N ARG A 443 -3.46 10.13 -18.74
CA ARG A 443 -4.58 9.28 -19.21
C ARG A 443 -5.83 10.11 -19.44
N ILE A 444 -6.03 10.55 -20.68
CA ILE A 444 -7.07 11.54 -21.00
C ILE A 444 -8.03 11.20 -22.11
N SER A 445 -8.07 9.90 -22.44
CA SER A 445 -8.83 9.44 -23.58
CA SER A 445 -8.85 9.40 -23.57
C SER A 445 -10.34 9.66 -23.36
N LYS A 446 -11.07 9.73 -24.44
CA LYS A 446 -12.52 9.78 -24.39
C LYS A 446 -13.02 11.04 -23.71
N ASN A 447 -12.60 12.17 -24.22
CA ASN A 447 -13.06 13.46 -23.82
C ASN A 447 -13.27 14.29 -25.08
N ARG A 448 -13.33 15.61 -24.96
CA ARG A 448 -13.43 16.48 -26.13
C ARG A 448 -12.30 17.51 -26.16
N PHE A 449 -11.10 17.10 -25.77
CA PHE A 449 -9.97 18.03 -25.80
C PHE A 449 -9.65 18.31 -27.26
N SER A 450 -9.21 19.52 -27.48
CA SER A 450 -8.94 20.01 -28.83
C SER A 450 -7.59 20.72 -28.90
N GLY A 451 -7.26 21.20 -30.06
CA GLY A 451 -5.99 21.85 -30.30
C GLY A 451 -4.93 20.83 -30.57
N SER A 452 -3.72 21.31 -30.58
CA SER A 452 -2.56 20.56 -30.93
C SER A 452 -2.01 20.08 -29.65
N ILE A 453 -1.37 18.92 -29.66
CA ILE A 453 -0.66 18.36 -28.51
C ILE A 453 0.53 19.28 -28.35
N PRO A 454 0.67 19.95 -27.19
CA PRO A 454 1.75 20.92 -27.07
C PRO A 454 3.14 20.28 -27.04
N ASN A 455 4.09 21.02 -27.59
CA ASN A 455 5.51 20.61 -27.71
C ASN A 455 6.14 20.27 -26.33
N GLU A 456 5.77 21.00 -25.29
CA GLU A 456 6.40 20.86 -23.96
C GLU A 456 6.19 19.48 -23.29
N ILE A 457 5.23 18.65 -23.74
CA ILE A 457 5.10 17.29 -23.19
C ILE A 457 6.40 16.51 -23.35
N GLY A 458 7.15 16.78 -24.40
CA GLY A 458 8.47 16.16 -24.60
C GLY A 458 9.60 16.59 -23.69
N SER A 459 9.44 17.63 -22.92
CA SER A 459 10.39 17.90 -21.77
C SER A 459 10.22 17.05 -20.47
N LEU A 460 9.11 16.36 -20.37
CA LEU A 460 8.72 15.60 -19.12
C LEU A 460 9.35 14.23 -19.19
N ASN A 461 10.62 14.19 -18.80
CA ASN A 461 11.52 13.06 -19.09
C ASN A 461 11.12 11.70 -18.52
N GLY A 462 10.36 11.71 -17.45
CA GLY A 462 9.87 10.52 -16.79
C GLY A 462 8.63 9.91 -17.39
N ILE A 463 8.00 10.56 -18.40
CA ILE A 463 6.66 10.15 -18.83
C ILE A 463 6.79 8.75 -19.39
N ILE A 464 5.94 7.86 -18.93
CA ILE A 464 5.90 6.48 -19.44
C ILE A 464 4.66 6.17 -20.25
N GLU A 465 3.62 7.02 -20.15
CA GLU A 465 2.40 6.78 -20.86
C GLU A 465 1.71 8.08 -21.28
N ILE A 466 1.39 8.19 -22.54
CA ILE A 466 0.55 9.26 -23.07
C ILE A 466 -0.61 8.58 -23.77
N SER A 467 -1.81 8.74 -23.19
CA SER A 467 -2.99 8.12 -23.61
C SER A 467 -4.04 9.19 -23.83
N GLY A 468 -4.37 9.45 -25.13
CA GLY A 468 -5.22 10.55 -25.52
C GLY A 468 -6.17 10.25 -26.64
N ALA A 469 -6.59 9.00 -26.73
CA ALA A 469 -7.46 8.52 -27.79
C ALA A 469 -8.84 9.10 -27.67
N GLU A 470 -9.54 9.19 -28.78
CA GLU A 470 -10.92 9.62 -28.75
C GLU A 470 -11.11 11.00 -28.18
N ASN A 471 -10.39 11.93 -28.75
CA ASN A 471 -10.57 13.35 -28.50
C ASN A 471 -10.69 14.06 -29.87
N ASP A 472 -10.38 15.34 -29.88
CA ASP A 472 -10.39 16.19 -31.05
C ASP A 472 -9.04 16.86 -31.23
N PHE A 473 -7.95 16.13 -30.95
CA PHE A 473 -6.61 16.71 -31.18
C PHE A 473 -6.30 16.80 -32.68
N SER A 474 -5.61 17.87 -33.01
CA SER A 474 -5.29 18.18 -34.40
C SER A 474 -3.88 18.75 -34.47
N GLY A 475 -3.45 19.15 -35.67
CA GLY A 475 -2.07 19.54 -35.84
C GLY A 475 -1.21 18.29 -35.92
N GLU A 476 0.09 18.51 -35.86
CA GLU A 476 1.08 17.49 -36.05
C GLU A 476 1.47 16.85 -34.72
N ILE A 477 1.98 15.65 -34.77
CA ILE A 477 2.67 14.99 -33.66
C ILE A 477 3.92 15.78 -33.39
N PRO A 478 4.10 16.27 -32.15
CA PRO A 478 5.30 17.12 -31.93
C PRO A 478 6.54 16.26 -32.02
N GLU A 479 7.49 16.71 -32.83
CA GLU A 479 8.81 16.05 -32.96
C GLU A 479 9.39 15.65 -31.59
N SER A 480 9.12 16.46 -30.55
CA SER A 480 9.69 16.23 -29.25
C SER A 480 9.31 14.86 -28.59
N LEU A 481 8.15 14.28 -28.94
CA LEU A 481 7.75 13.04 -28.31
C LEU A 481 8.76 11.96 -28.56
N VAL A 482 9.43 12.02 -29.70
CA VAL A 482 10.29 10.95 -30.15
C VAL A 482 11.59 10.82 -29.32
N LYS A 483 11.84 11.76 -28.40
CA LYS A 483 12.98 11.70 -27.50
C LYS A 483 12.58 11.51 -26.04
N LEU A 484 11.39 10.95 -25.80
CA LEU A 484 11.00 10.52 -24.45
C LEU A 484 11.46 9.08 -24.29
N LYS A 485 12.55 8.92 -23.56
CA LYS A 485 13.31 7.67 -23.49
C LYS A 485 12.57 6.60 -22.69
N GLN A 486 11.65 7.03 -21.80
CA GLN A 486 10.91 6.09 -21.00
C GLN A 486 9.54 5.78 -21.50
N LEU A 487 9.10 6.40 -22.60
CA LEU A 487 7.72 6.28 -23.03
C LEU A 487 7.46 4.84 -23.45
N SER A 488 6.41 4.27 -22.86
CA SER A 488 6.01 2.93 -23.02
C SER A 488 4.83 2.79 -23.93
N ARG A 489 3.88 3.71 -23.77
CA ARG A 489 2.58 3.59 -24.46
C ARG A 489 2.25 4.94 -24.99
N LEU A 490 2.15 5.05 -26.34
CA LEU A 490 1.61 6.22 -26.98
C LEU A 490 0.34 5.84 -27.71
N ASP A 491 -0.82 6.33 -27.26
CA ASP A 491 -2.07 6.12 -27.94
C ASP A 491 -2.79 7.41 -28.21
N LEU A 492 -2.86 7.82 -29.47
CA LEU A 492 -3.55 8.97 -29.95
C LEU A 492 -4.55 8.66 -31.04
N SER A 493 -5.08 7.43 -30.99
CA SER A 493 -6.05 6.98 -31.96
C SER A 493 -7.30 7.78 -31.89
N LYS A 494 -8.03 7.82 -33.00
CA LYS A 494 -9.32 8.54 -33.05
C LYS A 494 -9.30 10.02 -32.68
N ASN A 495 -8.37 10.74 -33.32
CA ASN A 495 -8.26 12.21 -33.28
C ASN A 495 -8.28 12.74 -34.73
N GLN A 496 -7.70 13.93 -35.00
CA GLN A 496 -7.66 14.59 -36.28
C GLN A 496 -6.23 15.05 -36.52
N LEU A 497 -5.26 14.26 -36.06
CA LEU A 497 -3.85 14.58 -36.19
C LEU A 497 -3.45 14.47 -37.66
N SER A 498 -2.51 15.30 -38.06
CA SER A 498 -1.97 15.32 -39.41
C SER A 498 -0.44 15.43 -39.42
N GLY A 499 0.14 15.41 -40.61
CA GLY A 499 1.59 15.41 -40.77
C GLY A 499 2.07 13.97 -40.78
N GLU A 500 3.32 13.83 -40.40
CA GLU A 500 4.09 12.61 -40.60
C GLU A 500 4.52 12.09 -39.24
N ILE A 501 5.05 10.87 -39.21
CA ILE A 501 5.80 10.32 -38.07
C ILE A 501 7.27 10.65 -38.28
N PRO A 502 8.00 11.17 -37.28
CA PRO A 502 9.46 11.46 -37.49
C PRO A 502 10.29 10.24 -37.88
N ARG A 503 11.31 10.46 -38.70
CA ARG A 503 12.21 9.41 -39.21
C ARG A 503 13.04 8.79 -38.09
N GLU A 504 13.52 9.60 -37.14
CA GLU A 504 14.54 9.14 -36.20
C GLU A 504 13.93 8.81 -34.86
N LEU A 505 13.63 7.52 -34.70
CA LEU A 505 12.88 7.03 -33.57
C LEU A 505 13.63 6.24 -32.52
N ARG A 506 14.93 6.10 -32.65
CA ARG A 506 15.76 5.31 -31.73
C ARG A 506 15.72 5.80 -30.23
N GLY A 507 15.31 7.05 -29.98
CA GLY A 507 15.03 7.52 -28.61
C GLY A 507 13.92 6.72 -27.94
N TRP A 508 13.12 5.95 -28.73
CA TRP A 508 11.97 5.24 -28.14
C TRP A 508 12.37 3.83 -27.75
N LYS A 509 13.43 3.73 -26.95
CA LYS A 509 14.00 2.46 -26.56
C LYS A 509 13.05 1.67 -25.67
N ASN A 510 12.04 2.26 -25.13
CA ASN A 510 11.10 1.53 -24.21
C ASN A 510 9.71 1.49 -24.76
N LEU A 511 9.52 1.89 -26.01
CA LEU A 511 8.14 1.93 -26.53
C LEU A 511 7.58 0.57 -26.81
N ASN A 512 6.47 0.24 -26.11
CA ASN A 512 5.80 -1.03 -26.28
C ASN A 512 4.57 -0.93 -27.22
N GLU A 513 3.87 0.14 -27.16
CA GLU A 513 2.72 0.42 -27.94
C GLU A 513 2.78 1.74 -28.63
N LEU A 514 2.48 1.68 -29.96
CA LEU A 514 2.29 2.83 -30.80
C LEU A 514 0.95 2.72 -31.48
N ASN A 515 0.00 3.53 -31.05
CA ASN A 515 -1.37 3.49 -31.61
C ASN A 515 -1.79 4.86 -32.07
N LEU A 516 -1.89 5.02 -33.38
CA LEU A 516 -2.21 6.27 -34.02
C LEU A 516 -3.33 6.10 -35.02
N ALA A 517 -4.14 5.04 -34.84
CA ALA A 517 -5.19 4.66 -35.79
C ALA A 517 -6.19 5.76 -35.88
N ASN A 518 -6.84 5.92 -37.03
CA ASN A 518 -8.00 6.83 -37.19
C ASN A 518 -7.65 8.30 -36.89
N ASN A 519 -6.70 8.78 -37.66
CA ASN A 519 -6.31 10.16 -37.73
C ASN A 519 -6.21 10.53 -39.27
N HIS A 520 -5.49 11.60 -39.59
CA HIS A 520 -5.27 12.07 -40.96
C HIS A 520 -3.75 12.10 -41.21
N LEU A 521 -3.01 11.15 -40.68
CA LEU A 521 -1.56 11.10 -40.86
C LEU A 521 -1.15 10.65 -42.26
N SER A 522 -0.01 11.15 -42.68
CA SER A 522 0.48 10.95 -44.01
C SER A 522 2.00 10.68 -44.01
N GLY A 523 2.60 10.55 -45.20
CA GLY A 523 3.99 10.20 -45.36
C GLY A 523 4.17 8.71 -45.22
N GLU A 524 5.43 8.32 -45.01
CA GLU A 524 5.82 6.92 -45.00
C GLU A 524 5.94 6.42 -43.60
N ILE A 525 5.89 5.11 -43.46
CA ILE A 525 6.04 4.51 -42.11
C ILE A 525 7.56 4.43 -42.01
N PRO A 526 8.17 5.07 -41.00
CA PRO A 526 9.64 5.08 -40.85
C PRO A 526 10.26 3.73 -40.65
N LYS A 527 11.42 3.49 -41.26
CA LYS A 527 12.09 2.17 -41.16
C LYS A 527 12.45 1.82 -39.75
N GLU A 528 12.72 2.86 -38.99
CA GLU A 528 13.17 2.69 -37.63
C GLU A 528 12.11 2.17 -36.68
N VAL A 529 10.83 2.19 -37.09
CA VAL A 529 9.78 1.43 -36.38
C VAL A 529 10.21 -0.01 -36.11
N GLY A 530 10.79 -0.68 -37.08
CA GLY A 530 11.25 -2.06 -36.93
C GLY A 530 12.46 -2.34 -36.06
N ILE A 531 13.17 -1.29 -35.65
CA ILE A 531 14.38 -1.40 -34.83
C ILE A 531 14.02 -1.09 -33.37
N LEU A 532 12.78 -0.74 -33.07
CA LEU A 532 12.33 -0.46 -31.68
C LEU A 532 12.34 -1.78 -30.90
N PRO A 533 13.09 -1.86 -29.80
CA PRO A 533 13.41 -3.22 -29.28
C PRO A 533 12.31 -3.95 -28.47
N VAL A 534 11.30 -3.23 -28.02
CA VAL A 534 10.18 -3.81 -27.25
C VAL A 534 8.79 -3.46 -27.78
N LEU A 535 8.70 -2.98 -28.99
CA LEU A 535 7.41 -2.68 -29.59
C LEU A 535 6.69 -4.00 -29.87
N ASN A 536 5.53 -4.15 -29.28
CA ASN A 536 4.69 -5.36 -29.51
C ASN A 536 3.26 -4.99 -30.05
N TYR A 537 2.97 -3.71 -30.16
CA TYR A 537 1.68 -3.22 -30.62
C TYR A 537 1.83 -2.07 -31.55
N LEU A 538 1.44 -2.28 -32.84
CA LEU A 538 1.55 -1.24 -33.83
C LEU A 538 0.22 -1.07 -34.58
N ASP A 539 -0.46 0.03 -34.34
CA ASP A 539 -1.68 0.33 -35.08
C ASP A 539 -1.61 1.68 -35.75
N LEU A 540 -1.49 1.63 -37.11
CA LEU A 540 -1.45 2.84 -37.90
C LEU A 540 -2.62 2.89 -38.88
N SER A 541 -3.65 2.09 -38.62
CA SER A 541 -4.82 1.96 -39.54
C SER A 541 -5.59 3.23 -39.69
N SER A 542 -6.34 3.31 -40.77
CA SER A 542 -7.28 4.44 -41.00
C SER A 542 -6.54 5.79 -40.91
N ASN A 543 -5.57 5.93 -41.81
CA ASN A 543 -4.84 7.16 -42.01
C ASN A 543 -4.62 7.33 -43.50
N GLN A 544 -3.63 8.15 -43.90
CA GLN A 544 -3.23 8.23 -45.29
C GLN A 544 -1.76 7.93 -45.48
N PHE A 545 -1.20 6.97 -44.74
CA PHE A 545 0.19 6.55 -44.98
C PHE A 545 0.34 6.03 -46.40
N SER A 546 1.48 6.31 -46.99
CA SER A 546 1.78 5.98 -48.41
C SER A 546 3.17 5.33 -48.48
N GLY A 547 3.53 4.89 -49.69
CA GLY A 547 4.77 4.22 -49.92
C GLY A 547 4.76 2.79 -49.43
N GLU A 548 5.94 2.20 -49.34
CA GLU A 548 6.12 0.80 -49.06
C GLU A 548 6.11 0.50 -47.59
N ILE A 549 5.73 -0.71 -47.23
CA ILE A 549 5.78 -1.15 -45.86
C ILE A 549 7.25 -1.59 -45.59
N PRO A 550 7.94 -0.98 -44.63
CA PRO A 550 9.39 -1.31 -44.43
C PRO A 550 9.63 -2.78 -44.05
N LEU A 551 10.62 -3.41 -44.63
CA LEU A 551 10.98 -4.82 -44.42
C LEU A 551 11.37 -5.04 -42.95
N GLU A 552 11.89 -3.97 -42.27
CA GLU A 552 12.27 -4.05 -40.87
C GLU A 552 11.18 -4.38 -39.94
N LEU A 553 9.93 -4.11 -40.28
CA LEU A 553 8.83 -4.60 -39.47
C LEU A 553 8.83 -6.07 -39.12
N GLN A 554 9.41 -6.88 -39.98
CA GLN A 554 9.57 -8.33 -39.78
C GLN A 554 10.49 -8.74 -38.68
N ASN A 555 11.20 -7.78 -38.07
CA ASN A 555 11.99 -8.04 -36.84
C ASN A 555 11.15 -8.10 -35.57
N LEU A 556 10.03 -7.50 -35.60
CA LEU A 556 9.19 -7.27 -34.44
C LEU A 556 8.32 -8.52 -34.17
N LYS A 557 7.93 -8.71 -32.93
CA LYS A 557 6.94 -9.74 -32.58
C LYS A 557 5.72 -8.92 -32.12
N LEU A 558 4.72 -8.83 -33.00
CA LEU A 558 3.61 -7.96 -32.78
C LEU A 558 2.40 -8.73 -32.37
N ASN A 559 1.82 -8.38 -31.21
CA ASN A 559 0.49 -8.88 -30.84
C ASN A 559 -0.57 -8.26 -31.74
N VAL A 560 -0.36 -7.00 -32.12
CA VAL A 560 -1.26 -6.24 -32.96
C VAL A 560 -0.42 -5.60 -34.02
N LEU A 561 -0.80 -5.82 -35.26
CA LEU A 561 -0.23 -5.11 -36.38
C LEU A 561 -1.45 -4.76 -37.25
N ASN A 562 -1.73 -3.50 -37.40
CA ASN A 562 -2.84 -3.07 -38.24
C ASN A 562 -2.44 -1.87 -39.06
N LEU A 563 -2.35 -2.10 -40.39
CA LEU A 563 -2.02 -1.05 -41.37
C LEU A 563 -3.16 -0.79 -42.36
N SER A 564 -4.32 -1.31 -42.06
CA SER A 564 -5.48 -1.27 -42.91
C SER A 564 -5.94 0.15 -43.15
N TYR A 565 -6.67 0.35 -44.26
CA TYR A 565 -7.25 1.66 -44.62
C TYR A 565 -6.21 2.80 -44.65
N ASN A 566 -5.21 2.64 -45.53
CA ASN A 566 -4.21 3.67 -45.75
C ASN A 566 -4.07 3.76 -47.29
N HIS A 567 -3.06 4.46 -47.73
CA HIS A 567 -2.69 4.50 -49.18
C HIS A 567 -1.34 3.82 -49.49
N LEU A 568 -1.10 2.65 -48.91
CA LEU A 568 0.21 2.01 -49.01
C LEU A 568 0.32 1.29 -50.32
N SER A 569 1.54 1.08 -50.76
CA SER A 569 1.85 0.49 -52.05
C SER A 569 2.97 -0.56 -51.95
N GLY A 570 3.14 -1.26 -53.04
CA GLY A 570 4.12 -2.37 -53.19
C GLY A 570 3.51 -3.68 -52.73
N LYS A 571 4.29 -4.49 -52.05
CA LYS A 571 3.93 -5.81 -51.65
C LYS A 571 3.97 -5.86 -50.15
N ILE A 572 3.19 -6.80 -49.61
CA ILE A 572 3.21 -7.04 -48.23
C ILE A 572 4.57 -7.73 -47.94
N PRO A 573 5.26 -7.34 -46.84
CA PRO A 573 6.41 -8.13 -46.43
C PRO A 573 6.16 -9.65 -46.33
N PRO A 574 7.06 -10.49 -46.80
CA PRO A 574 6.78 -11.90 -46.93
C PRO A 574 6.39 -12.64 -45.63
N LEU A 575 6.85 -12.14 -44.51
CA LEU A 575 6.57 -12.77 -43.20
C LEU A 575 5.06 -12.77 -42.94
N TYR A 576 4.37 -11.77 -43.46
CA TYR A 576 2.95 -11.56 -43.25
C TYR A 576 2.08 -11.96 -44.43
N ALA A 577 2.63 -12.68 -45.39
CA ALA A 577 1.97 -13.08 -46.62
C ALA A 577 0.82 -14.03 -46.39
N ASN A 578 0.80 -14.77 -45.29
CA ASN A 578 -0.26 -15.72 -45.04
C ASN A 578 -1.68 -15.06 -44.91
N LYS A 579 -2.73 -15.81 -45.31
CA LYS A 579 -4.14 -15.32 -45.24
C LYS A 579 -4.62 -14.93 -43.83
N ILE A 580 -4.00 -15.48 -42.76
CA ILE A 580 -4.34 -15.11 -41.40
C ILE A 580 -3.96 -13.66 -41.03
N TYR A 581 -2.93 -13.11 -41.68
CA TYR A 581 -2.52 -11.73 -41.48
C TYR A 581 -3.28 -10.77 -42.37
N ALA A 582 -4.18 -11.24 -43.25
CA ALA A 582 -4.76 -10.45 -44.33
C ALA A 582 -5.46 -9.24 -43.88
N HIS A 583 -6.29 -9.37 -42.80
CA HIS A 583 -7.04 -8.25 -42.30
C HIS A 583 -6.17 -7.21 -41.74
N ASP A 584 -4.85 -7.48 -41.63
CA ASP A 584 -3.95 -6.40 -41.12
C ASP A 584 -3.67 -5.35 -42.19
N PHE A 585 -3.96 -5.67 -43.44
CA PHE A 585 -3.59 -4.82 -44.58
C PHE A 585 -4.71 -4.48 -45.56
N ILE A 586 -5.96 -4.89 -45.27
CA ILE A 586 -7.10 -4.56 -46.08
C ILE A 586 -7.30 -3.06 -46.30
N GLY A 587 -7.91 -2.68 -47.37
CA GLY A 587 -8.18 -1.29 -47.62
C GLY A 587 -6.99 -0.43 -47.99
N ASN A 588 -6.00 -1.06 -48.62
CA ASN A 588 -4.87 -0.37 -49.29
C ASN A 588 -4.91 -0.73 -50.76
N PRO A 589 -5.59 0.09 -51.58
CA PRO A 589 -5.82 -0.16 -53.01
C PRO A 589 -4.52 -0.54 -53.79
N GLY A 590 -3.44 0.17 -53.51
CA GLY A 590 -2.15 0.00 -54.11
C GLY A 590 -1.28 -1.12 -53.65
N LEU A 591 -1.73 -1.86 -52.64
CA LEU A 591 -0.95 -2.92 -51.99
C LEU A 591 -1.35 -4.27 -52.55
N CYS A 592 -0.42 -5.17 -52.73
CA CYS A 592 -0.76 -6.53 -53.08
C CYS A 592 0.07 -7.54 -52.26
N VAL A 593 -0.27 -8.82 -52.39
CA VAL A 593 0.45 -9.93 -51.73
C VAL A 593 0.98 -10.85 -52.81
N ASP A 594 2.25 -11.23 -52.64
CA ASP A 594 2.93 -12.08 -53.63
C ASP A 594 2.81 -13.50 -53.12
N LEU A 595 2.11 -14.34 -53.91
CA LEU A 595 1.85 -15.75 -53.58
C LEU A 595 1.78 -16.53 -54.91
N ASP A 596 2.55 -17.62 -55.01
CA ASP A 596 2.54 -18.55 -56.15
C ASP A 596 3.13 -17.93 -57.46
N GLY A 597 3.77 -16.75 -57.39
CA GLY A 597 4.31 -16.04 -58.59
C GLY A 597 3.41 -14.97 -59.22
N LEU A 598 2.54 -14.35 -58.41
CA LEU A 598 1.58 -13.36 -58.92
C LEU A 598 1.15 -12.47 -57.78
N CYS A 599 1.03 -11.17 -58.04
CA CYS A 599 0.56 -10.25 -57.01
C CYS A 599 -1.02 -10.18 -57.05
N ARG A 600 -1.61 -10.28 -55.86
CA ARG A 600 -3.04 -10.39 -55.68
C ARG A 600 -3.49 -9.28 -54.76
N LYS A 601 -4.67 -8.70 -55.03
CA LYS A 601 -5.33 -7.80 -54.08
C LYS A 601 -5.86 -8.66 -52.94
#